data_3WQM
#
_entry.id   3WQM
#
_cell.length_a   105.417
_cell.length_b   105.417
_cell.length_c   65.991
_cell.angle_alpha   90
_cell.angle_beta   90
_cell.angle_gamma   90
#
_symmetry.space_group_name_H-M   'P 43 21 2'
#
loop_
_entity.id
_entity.type
_entity.pdbx_description
1 polymer 'Diterpene synthase'
2 non-polymer '[2-(3-DIBENZOFURAN-4-YL-PHENYL)-1-HYDROXY-1-PHOSPHONO-ETHYL]-PHOSPHONIC ACID'
3 non-polymer 'MAGNESIUM ION'
4 non-polymer 'PHOSPHATE ION'
5 water water
#
_entity_poly.entity_id   1
_entity_poly.type   'polypeptide(L)'
_entity_poly.pdbx_seq_one_letter_code
;AAGAAMNLVSEKEFLDLPLVSVAEIVRCRGPKVSVFPFDGTRRWFHLECNPQYDDYQQAALRQSIRILKMLFEHGIETVI
SPIFSDDLLDRGDRYIVQALEGMALLANDEEILSFYKEHEVHVLFYGDYKKRLPSTAQGAAVVKSFDDLTISTSSNTEHR
LCFGVFGNDAAESVAQFSISWNETHGKPPTRREIIEGYYGEYVDKADMFIGFGRFSTFDFPLLSSGKTSLYFTVAPSYYM
TETTLRRILYDHIYLRHFRPKPDYSAMSADQLNVLRNRYRAQPDRVFGVGCVHDGIWFAEG
;
_entity_poly.pdbx_strand_id   A
#
# COMPACT_ATOMS: atom_id res chain seq x y z
N ALA A 5 -6.10 -0.76 -28.23
CA ALA A 5 -4.73 -0.16 -28.16
C ALA A 5 -3.86 -0.94 -27.17
N MET A 6 -4.11 -0.71 -25.89
CA MET A 6 -3.36 -1.36 -24.83
C MET A 6 -4.12 -2.58 -24.32
N ASN A 7 -5.33 -2.78 -24.82
CA ASN A 7 -6.16 -3.89 -24.36
C ASN A 7 -5.69 -5.32 -24.59
N LEU A 8 -4.87 -5.57 -25.60
CA LEU A 8 -4.42 -6.94 -25.83
C LEU A 8 -2.92 -7.17 -25.65
N VAL A 9 -2.27 -6.29 -24.91
CA VAL A 9 -0.85 -6.46 -24.65
C VAL A 9 -0.69 -7.76 -23.88
N SER A 10 0.29 -8.58 -24.28
CA SER A 10 0.53 -9.86 -23.63
C SER A 10 1.44 -9.65 -22.43
N GLU A 11 1.46 -10.61 -21.52
CA GLU A 11 2.31 -10.50 -20.35
C GLU A 11 3.78 -10.45 -20.74
N LYS A 12 4.14 -11.23 -21.75
CA LYS A 12 5.53 -11.26 -22.22
C LYS A 12 5.94 -9.85 -22.66
N GLU A 13 5.09 -9.20 -23.44
CA GLU A 13 5.38 -7.85 -23.91
C GLU A 13 5.41 -6.91 -22.71
N PHE A 14 4.41 -7.04 -21.85
CA PHE A 14 4.31 -6.19 -20.67
C PHE A 14 5.62 -6.28 -19.87
N LEU A 15 6.15 -7.49 -19.77
CA LEU A 15 7.38 -7.70 -19.02
C LEU A 15 8.62 -7.15 -19.74
N ASP A 16 8.55 -7.03 -21.07
CA ASP A 16 9.67 -6.53 -21.85
C ASP A 16 9.64 -5.02 -22.10
N LEU A 17 8.45 -4.42 -22.02
CA LEU A 17 8.27 -3.00 -22.28
C LEU A 17 9.18 -2.06 -21.49
N PRO A 18 9.47 -0.89 -22.07
CA PRO A 18 10.32 0.08 -21.37
C PRO A 18 9.48 0.60 -20.20
N LEU A 19 10.15 1.06 -19.15
CA LEU A 19 9.44 1.56 -17.97
C LEU A 19 8.38 2.60 -18.32
N VAL A 20 8.75 3.57 -19.16
CA VAL A 20 7.86 4.64 -19.58
C VAL A 20 6.57 4.13 -20.26
N SER A 21 6.64 2.99 -20.93
CA SER A 21 5.47 2.42 -21.61
C SER A 21 4.53 1.79 -20.59
N VAL A 22 5.08 1.08 -19.61
CA VAL A 22 4.28 0.47 -18.56
C VAL A 22 3.52 1.59 -17.82
N ALA A 23 4.25 2.65 -17.49
CA ALA A 23 3.68 3.80 -16.80
C ALA A 23 2.47 4.36 -17.56
N GLU A 24 2.62 4.51 -18.87
CA GLU A 24 1.51 5.02 -19.66
C GLU A 24 0.31 4.08 -19.59
N ILE A 25 0.54 2.78 -19.62
CA ILE A 25 -0.56 1.82 -19.53
C ILE A 25 -1.28 1.92 -18.18
N VAL A 26 -0.50 1.97 -17.10
CA VAL A 26 -1.04 2.07 -15.74
C VAL A 26 -1.78 3.39 -15.55
N ARG A 27 -1.19 4.47 -16.03
CA ARG A 27 -1.79 5.79 -15.90
C ARG A 27 -3.17 5.76 -16.55
N CYS A 28 -3.31 4.96 -17.59
CA CYS A 28 -4.54 4.83 -18.33
C CYS A 28 -5.51 3.76 -17.82
N ARG A 29 -4.99 2.59 -17.46
CA ARG A 29 -5.81 1.48 -17.00
C ARG A 29 -5.85 1.25 -15.49
N GLY A 30 -4.92 1.87 -14.75
CA GLY A 30 -4.85 1.67 -13.32
C GLY A 30 -3.79 0.62 -13.07
N PRO A 31 -3.50 0.26 -11.80
CA PRO A 31 -4.11 0.76 -10.58
C PRO A 31 -3.79 2.22 -10.30
N LYS A 32 -4.80 2.98 -9.91
CA LYS A 32 -4.61 4.38 -9.59
C LYS A 32 -4.12 4.49 -8.15
N VAL A 33 -4.68 3.64 -7.29
CA VAL A 33 -4.34 3.63 -5.86
C VAL A 33 -3.85 2.24 -5.45
N SER A 34 -2.64 2.17 -4.90
CA SER A 34 -2.08 0.89 -4.47
C SER A 34 -1.61 0.97 -3.02
N VAL A 35 -1.89 -0.07 -2.25
CA VAL A 35 -1.46 -0.10 -0.85
C VAL A 35 -0.17 -0.92 -0.80
N PHE A 36 0.89 -0.36 -0.23
CA PHE A 36 2.15 -1.08 -0.13
C PHE A 36 2.76 -0.84 1.24
N PRO A 37 2.46 -1.70 2.21
CA PRO A 37 3.01 -1.55 3.56
C PRO A 37 4.50 -1.88 3.56
N PHE A 38 5.24 -1.24 4.45
CA PHE A 38 6.65 -1.53 4.58
C PHE A 38 6.79 -2.29 5.88
N ASP A 39 7.16 -3.55 5.78
CA ASP A 39 7.30 -4.41 6.95
C ASP A 39 8.42 -5.40 6.68
N GLY A 40 8.84 -6.12 7.72
CA GLY A 40 9.91 -7.08 7.55
C GLY A 40 11.26 -6.36 7.46
N THR A 41 11.28 -5.12 7.94
CA THR A 41 12.48 -4.30 7.91
C THR A 41 13.70 -4.98 8.55
N ARG A 42 13.54 -5.43 9.79
CA ARG A 42 14.61 -6.09 10.51
C ARG A 42 15.21 -7.31 9.82
N ARG A 43 14.35 -8.25 9.41
CA ARG A 43 14.84 -9.46 8.77
C ARG A 43 15.44 -9.17 7.40
N TRP A 44 14.89 -8.18 6.69
CA TRP A 44 15.44 -7.84 5.38
C TRP A 44 16.86 -7.35 5.57
N PHE A 45 17.05 -6.39 6.46
CA PHE A 45 18.34 -5.82 6.74
C PHE A 45 19.37 -6.88 7.11
N HIS A 46 19.07 -7.64 8.15
CA HIS A 46 19.98 -8.68 8.61
C HIS A 46 20.20 -9.81 7.60
N LEU A 47 19.29 -9.96 6.65
CA LEU A 47 19.42 -11.01 5.65
C LEU A 47 20.00 -10.56 4.31
N GLU A 48 19.67 -9.35 3.87
CA GLU A 48 20.18 -8.86 2.59
C GLU A 48 21.23 -7.76 2.64
N CYS A 49 21.49 -7.22 3.83
CA CYS A 49 22.49 -6.17 3.96
C CYS A 49 23.67 -6.67 4.77
N ASN A 50 23.39 -7.40 5.85
CA ASN A 50 24.43 -7.96 6.70
C ASN A 50 25.04 -9.17 6.00
N ASP A 54 24.82 -1.33 5.77
CA ASP A 54 25.50 -0.41 6.68
C ASP A 54 24.62 -0.08 7.89
N ASP A 55 24.14 1.15 7.95
CA ASP A 55 23.29 1.57 9.06
C ASP A 55 21.82 1.26 8.82
N TYR A 56 21.18 0.68 9.84
CA TYR A 56 19.77 0.30 9.78
C TYR A 56 18.82 1.34 9.18
N GLN A 57 18.47 2.34 9.98
CA GLN A 57 17.55 3.40 9.54
C GLN A 57 17.79 3.92 8.14
N GLN A 58 19.06 4.14 7.79
CA GLN A 58 19.40 4.66 6.47
C GLN A 58 19.20 3.63 5.36
N ALA A 59 19.50 2.37 5.65
CA ALA A 59 19.33 1.31 4.67
C ALA A 59 17.86 1.15 4.33
N ALA A 60 17.03 1.13 5.37
CA ALA A 60 15.58 0.99 5.20
C ALA A 60 15.00 2.22 4.49
N LEU A 61 15.52 3.39 4.86
CA LEU A 61 15.06 4.64 4.26
C LEU A 61 15.32 4.67 2.76
N ARG A 62 16.54 4.34 2.36
CA ARG A 62 16.90 4.33 0.95
C ARG A 62 16.18 3.21 0.19
N GLN A 63 16.03 2.05 0.83
CA GLN A 63 15.36 0.93 0.21
C GLN A 63 13.88 1.30 -0.03
N SER A 64 13.32 2.00 0.95
CA SER A 64 11.93 2.45 0.88
C SER A 64 11.76 3.41 -0.28
N ILE A 65 12.73 4.32 -0.44
CA ILE A 65 12.69 5.29 -1.52
C ILE A 65 12.78 4.53 -2.84
N ARG A 66 13.68 3.57 -2.91
CA ARG A 66 13.84 2.78 -4.13
C ARG A 66 12.50 2.20 -4.57
N ILE A 67 11.80 1.55 -3.65
CA ILE A 67 10.51 0.94 -3.93
C ILE A 67 9.42 1.96 -4.24
N LEU A 68 9.36 3.06 -3.49
CA LEU A 68 8.36 4.08 -3.77
C LEU A 68 8.62 4.66 -5.15
N LYS A 69 9.90 4.85 -5.47
CA LYS A 69 10.31 5.38 -6.76
C LYS A 69 9.83 4.41 -7.85
N MET A 70 10.03 3.13 -7.60
CA MET A 70 9.63 2.10 -8.54
C MET A 70 8.12 2.14 -8.76
N LEU A 71 7.37 2.14 -7.68
CA LEU A 71 5.91 2.19 -7.75
C LEU A 71 5.43 3.38 -8.56
N PHE A 72 5.92 4.57 -8.22
CA PHE A 72 5.52 5.78 -8.92
C PHE A 72 6.01 5.81 -10.37
N GLU A 73 7.19 5.28 -10.64
CA GLU A 73 7.69 5.30 -12.01
C GLU A 73 6.95 4.29 -12.88
N HIS A 74 6.16 3.42 -12.27
CA HIS A 74 5.38 2.46 -13.04
C HIS A 74 4.00 3.06 -13.29
N GLY A 75 3.85 4.35 -12.99
CA GLY A 75 2.60 5.05 -13.25
C GLY A 75 1.52 5.10 -12.20
N ILE A 76 1.73 4.46 -11.05
CA ILE A 76 0.74 4.48 -9.98
C ILE A 76 0.68 5.88 -9.41
N GLU A 77 -0.52 6.48 -9.39
CA GLU A 77 -0.68 7.83 -8.90
C GLU A 77 -0.53 7.94 -7.39
N THR A 78 -1.29 7.13 -6.65
CA THR A 78 -1.27 7.15 -5.19
C THR A 78 -0.84 5.85 -4.54
N VAL A 79 0.10 5.95 -3.60
CA VAL A 79 0.56 4.79 -2.85
C VAL A 79 0.22 5.06 -1.39
N ILE A 80 -0.45 4.09 -0.77
CA ILE A 80 -0.81 4.19 0.63
C ILE A 80 0.15 3.23 1.36
N SER A 81 0.99 3.77 2.23
CA SER A 81 1.95 2.93 2.94
C SER A 81 1.90 2.88 4.46
N PRO A 82 1.25 1.86 5.02
CA PRO A 82 1.17 1.74 6.48
C PRO A 82 2.63 1.51 6.89
N ILE A 83 3.13 2.25 7.87
CA ILE A 83 4.52 2.12 8.29
C ILE A 83 4.69 1.86 9.78
N PHE A 84 3.69 2.25 10.58
CA PHE A 84 3.74 2.05 12.02
C PHE A 84 2.33 1.83 12.56
N SER A 85 2.12 0.73 13.27
CA SER A 85 0.81 0.45 13.85
C SER A 85 0.87 0.35 15.38
N ASP A 86 -0.28 0.45 16.05
CA ASP A 86 -0.36 0.38 17.52
C ASP A 86 0.66 -0.49 18.19
N ASP A 87 0.73 -1.74 17.76
CA ASP A 87 1.69 -2.66 18.36
C ASP A 87 2.93 -2.05 18.95
N LEU A 88 3.56 -1.15 18.20
CA LEU A 88 4.83 -0.58 18.66
C LEU A 88 4.85 0.13 20.00
N LEU A 89 3.71 0.66 20.45
CA LEU A 89 3.69 1.33 21.75
C LEU A 89 3.85 0.30 22.87
N ASP A 90 3.65 -0.97 22.53
CA ASP A 90 3.78 -2.07 23.49
C ASP A 90 5.16 -2.72 23.42
N ARG A 91 6.09 -2.06 22.74
CA ARG A 91 7.45 -2.58 22.62
C ARG A 91 8.34 -1.72 23.51
N GLY A 92 9.63 -2.06 23.59
CA GLY A 92 10.55 -1.29 24.41
C GLY A 92 10.53 0.21 24.19
N ASP A 93 11.19 0.93 25.09
CA ASP A 93 11.26 2.38 25.00
C ASP A 93 12.26 2.76 23.91
N ARG A 94 13.35 2.01 23.83
CA ARG A 94 14.39 2.25 22.84
C ARG A 94 13.83 1.98 21.44
N TYR A 95 12.93 1.01 21.37
CA TYR A 95 12.27 0.61 20.14
C TYR A 95 11.33 1.74 19.72
N ILE A 96 10.71 2.37 20.72
CA ILE A 96 9.78 3.46 20.48
C ILE A 96 10.51 4.70 19.96
N VAL A 97 11.64 5.03 20.58
CA VAL A 97 12.43 6.17 20.16
C VAL A 97 12.90 5.93 18.73
N GLN A 98 13.35 4.71 18.47
CA GLN A 98 13.81 4.29 17.16
C GLN A 98 12.75 4.58 16.10
N ALA A 99 11.51 4.28 16.43
CA ALA A 99 10.38 4.51 15.53
C ALA A 99 10.21 5.99 15.22
N LEU A 100 10.12 6.81 16.26
CA LEU A 100 9.96 8.25 16.07
C LEU A 100 11.08 8.84 15.22
N GLU A 101 12.26 8.24 15.29
CA GLU A 101 13.38 8.72 14.51
C GLU A 101 13.12 8.40 13.05
N GLY A 102 12.59 7.19 12.80
CA GLY A 102 12.27 6.80 11.45
C GLY A 102 11.15 7.68 10.91
N MET A 103 10.20 8.01 11.78
CA MET A 103 9.09 8.86 11.39
C MET A 103 9.63 10.22 10.98
N ALA A 104 10.52 10.77 11.80
CA ALA A 104 11.13 12.07 11.52
C ALA A 104 11.85 12.06 10.18
N LEU A 105 12.50 10.94 9.86
CA LEU A 105 13.23 10.80 8.61
C LEU A 105 12.34 11.04 7.39
N LEU A 106 11.19 10.37 7.37
CA LEU A 106 10.25 10.48 6.26
C LEU A 106 9.83 11.93 6.01
N ALA A 107 9.90 12.76 7.05
CA ALA A 107 9.49 14.14 6.93
C ALA A 107 10.62 15.16 6.91
N ASN A 108 11.81 14.79 7.36
CA ASN A 108 12.91 15.74 7.39
C ASN A 108 14.16 15.38 6.61
N ASP A 109 14.45 14.09 6.47
CA ASP A 109 15.65 13.68 5.75
C ASP A 109 15.77 14.26 4.34
N GLU A 110 16.90 14.90 4.09
CA GLU A 110 17.21 15.54 2.81
C GLU A 110 16.99 14.69 1.55
N GLU A 111 17.55 13.49 1.53
CA GLU A 111 17.40 12.64 0.34
C GLU A 111 15.96 12.26 0.00
N ILE A 112 15.09 12.12 0.99
CA ILE A 112 13.72 11.76 0.68
C ILE A 112 12.95 13.03 0.28
N LEU A 113 13.31 14.17 0.87
CA LEU A 113 12.66 15.43 0.55
C LEU A 113 12.98 15.76 -0.91
N SER A 114 14.19 15.42 -1.32
CA SER A 114 14.61 15.65 -2.69
C SER A 114 13.77 14.74 -3.58
N PHE A 115 13.56 13.51 -3.12
CA PHE A 115 12.77 12.54 -3.85
C PHE A 115 11.34 13.05 -4.07
N TYR A 116 10.72 13.54 -3.00
CA TYR A 116 9.36 14.07 -3.10
C TYR A 116 9.29 15.19 -4.13
N LYS A 117 10.34 16.02 -4.18
CA LYS A 117 10.37 17.14 -5.11
C LYS A 117 10.60 16.69 -6.56
N GLU A 118 11.62 15.87 -6.76
CA GLU A 118 11.97 15.38 -8.09
C GLU A 118 10.83 14.60 -8.76
N HIS A 119 10.07 13.83 -7.99
CA HIS A 119 8.97 13.06 -8.56
C HIS A 119 7.62 13.69 -8.29
N GLU A 120 7.65 14.94 -7.82
CA GLU A 120 6.44 15.71 -7.55
C GLU A 120 5.41 14.91 -6.76
N VAL A 121 5.80 14.53 -5.56
CA VAL A 121 4.95 13.75 -4.68
C VAL A 121 4.37 14.58 -3.55
N HIS A 122 3.06 14.52 -3.38
CA HIS A 122 2.42 15.20 -2.27
C HIS A 122 2.33 14.13 -1.17
N VAL A 123 2.89 14.42 0.01
CA VAL A 123 2.89 13.46 1.12
C VAL A 123 1.85 13.81 2.17
N LEU A 124 1.18 12.78 2.68
CA LEU A 124 0.14 12.94 3.70
C LEU A 124 0.33 11.84 4.74
N PHE A 125 -0.18 12.08 5.95
CA PHE A 125 -0.09 11.11 7.01
C PHE A 125 -1.50 10.87 7.50
N TYR A 126 -1.83 9.64 7.86
CA TYR A 126 -3.15 9.33 8.37
C TYR A 126 -2.99 8.40 9.55
N GLY A 127 -4.02 8.31 10.37
CA GLY A 127 -3.95 7.45 11.53
C GLY A 127 -4.22 8.21 12.81
N ASP A 128 -4.15 7.49 13.92
CA ASP A 128 -4.42 8.06 15.22
C ASP A 128 -3.14 8.53 15.93
N TYR A 129 -2.12 8.92 15.16
CA TYR A 129 -0.84 9.35 15.74
C TYR A 129 -0.88 10.65 16.56
N LYS A 130 -1.77 11.58 16.20
CA LYS A 130 -1.85 12.83 16.95
C LYS A 130 -2.27 12.57 18.39
N LYS A 131 -3.05 11.51 18.59
CA LYS A 131 -3.52 11.14 19.92
C LYS A 131 -2.61 10.11 20.58
N ARG A 132 -2.15 9.14 19.81
CA ARG A 132 -1.32 8.07 20.34
C ARG A 132 0.18 8.27 20.42
N LEU A 133 0.71 9.26 19.71
CA LEU A 133 2.15 9.50 19.77
C LEU A 133 2.54 10.03 21.15
N PRO A 134 3.70 9.62 21.66
CA PRO A 134 4.15 10.09 22.97
C PRO A 134 4.00 11.60 23.09
N SER A 135 3.49 12.05 24.23
CA SER A 135 3.30 13.46 24.47
C SER A 135 4.66 14.13 24.66
N THR A 136 5.72 13.34 24.53
CA THR A 136 7.07 13.84 24.69
C THR A 136 7.40 14.92 23.68
N ALA A 137 8.59 15.48 23.79
CA ALA A 137 9.05 16.53 22.90
C ALA A 137 9.21 15.93 21.50
N GLN A 138 9.85 14.76 21.43
CA GLN A 138 10.07 14.08 20.17
C GLN A 138 8.75 13.82 19.45
N GLY A 139 7.73 13.41 20.20
CA GLY A 139 6.43 13.12 19.62
C GLY A 139 5.73 14.34 19.06
N ALA A 140 5.75 15.44 19.81
CA ALA A 140 5.12 16.67 19.37
C ALA A 140 5.87 17.22 18.16
N ALA A 141 7.16 16.90 18.08
CA ALA A 141 7.98 17.37 16.97
C ALA A 141 7.59 16.62 15.70
N VAL A 142 7.36 15.32 15.83
CA VAL A 142 6.98 14.48 14.71
C VAL A 142 5.66 14.95 14.11
N VAL A 143 4.70 15.27 14.96
CA VAL A 143 3.40 15.74 14.50
C VAL A 143 3.54 17.02 13.71
N LYS A 144 4.36 17.93 14.23
CA LYS A 144 4.60 19.21 13.58
C LYS A 144 5.26 18.97 12.21
N SER A 145 6.21 18.03 12.19
CA SER A 145 6.91 17.70 10.96
C SER A 145 5.95 17.12 9.93
N PHE A 146 5.04 16.26 10.39
CA PHE A 146 4.05 15.65 9.50
C PHE A 146 3.16 16.73 8.89
N ASP A 147 2.60 17.59 9.74
CA ASP A 147 1.73 18.67 9.26
C ASP A 147 2.45 19.53 8.24
N ASP A 148 3.69 19.90 8.57
CA ASP A 148 4.52 20.74 7.72
C ASP A 148 4.78 20.13 6.35
N LEU A 149 5.17 18.87 6.31
CA LEU A 149 5.46 18.21 5.03
C LEU A 149 4.21 18.13 4.17
N THR A 150 3.06 17.87 4.79
CA THR A 150 1.83 17.78 4.04
C THR A 150 1.54 19.08 3.34
N ILE A 151 1.79 20.20 4.02
CA ILE A 151 1.54 21.51 3.44
C ILE A 151 2.57 21.87 2.37
N SER A 152 3.85 21.73 2.67
CA SER A 152 4.89 22.09 1.71
C SER A 152 4.88 21.28 0.42
N THR A 153 4.35 20.06 0.46
CA THR A 153 4.30 19.23 -0.75
C THR A 153 2.93 19.26 -1.43
N SER A 154 2.00 20.03 -0.90
CA SER A 154 0.66 20.09 -1.47
C SER A 154 0.63 20.68 -2.89
N SER A 155 1.71 21.31 -3.32
CA SER A 155 1.74 21.87 -4.66
C SER A 155 2.15 20.78 -5.66
N ASN A 156 2.72 19.69 -5.15
CA ASN A 156 3.10 18.58 -6.03
C ASN A 156 1.85 17.87 -6.50
N THR A 157 1.75 17.58 -7.79
CA THR A 157 0.56 16.94 -8.33
C THR A 157 0.74 15.62 -9.06
N GLU A 158 1.97 15.24 -9.37
CA GLU A 158 2.19 13.99 -10.07
C GLU A 158 1.81 12.74 -9.29
N HIS A 159 2.22 12.68 -8.03
CA HIS A 159 1.92 11.52 -7.19
C HIS A 159 1.50 11.91 -5.78
N ARG A 160 0.83 10.97 -5.11
CA ARG A 160 0.39 11.17 -3.74
C ARG A 160 0.91 10.00 -2.91
N LEU A 161 1.43 10.30 -1.72
CA LEU A 161 1.96 9.26 -0.85
C LEU A 161 1.31 9.42 0.53
N CYS A 162 0.58 8.40 0.95
CA CYS A 162 -0.07 8.45 2.26
C CYS A 162 0.60 7.49 3.24
N PHE A 163 1.24 8.06 4.26
CA PHE A 163 1.90 7.25 5.27
C PHE A 163 0.97 6.95 6.42
N GLY A 164 0.84 5.67 6.75
CA GLY A 164 -0.03 5.27 7.83
C GLY A 164 0.69 5.12 9.15
N VAL A 165 0.33 5.96 10.12
CA VAL A 165 0.93 5.93 11.46
C VAL A 165 -0.22 5.69 12.44
N PHE A 166 -0.37 4.43 12.85
CA PHE A 166 -1.44 4.00 13.75
C PHE A 166 -2.77 4.17 13.01
N GLY A 167 -2.78 3.87 11.71
CA GLY A 167 -4.00 4.00 10.94
C GLY A 167 -4.77 2.69 10.82
N ASN A 168 -5.08 2.04 11.93
CA ASN A 168 -5.77 0.74 11.88
C ASN A 168 -7.31 0.74 11.99
N ASP A 169 -7.88 1.60 12.83
CA ASP A 169 -9.34 1.68 12.96
C ASP A 169 -9.85 3.11 13.07
N ALA A 170 -10.36 3.61 11.95
CA ALA A 170 -10.88 4.95 11.84
C ALA A 170 -12.30 5.19 12.35
N ALA A 171 -12.94 4.16 12.91
CA ALA A 171 -14.32 4.31 13.38
C ALA A 171 -14.54 5.54 14.30
N GLU A 172 -13.83 5.59 15.42
CA GLU A 172 -14.00 6.69 16.36
C GLU A 172 -13.63 8.02 15.71
N SER A 173 -12.62 8.02 14.85
CA SER A 173 -12.21 9.24 14.18
C SER A 173 -13.30 9.72 13.23
N VAL A 174 -13.90 8.80 12.48
CA VAL A 174 -14.96 9.16 11.54
C VAL A 174 -16.16 9.71 12.33
N ALA A 175 -16.45 9.08 13.46
CA ALA A 175 -17.55 9.49 14.31
C ALA A 175 -17.40 10.95 14.77
N GLN A 176 -16.24 11.27 15.33
CA GLN A 176 -15.99 12.62 15.81
C GLN A 176 -15.96 13.64 14.69
N PHE A 177 -15.37 13.26 13.57
CA PHE A 177 -15.30 14.13 12.39
C PHE A 177 -16.71 14.44 11.88
N SER A 178 -17.56 13.42 11.85
CA SER A 178 -18.93 13.60 11.36
C SER A 178 -19.77 14.49 12.27
N ILE A 179 -19.58 14.33 13.58
CA ILE A 179 -20.29 15.13 14.56
C ILE A 179 -19.91 16.61 14.41
N SER A 180 -18.61 16.87 14.29
CA SER A 180 -18.14 18.25 14.15
C SER A 180 -18.62 18.81 12.82
N TRP A 181 -18.53 18.00 11.77
CA TRP A 181 -18.95 18.43 10.45
C TRP A 181 -20.44 18.78 10.43
N ASN A 182 -21.26 17.97 11.09
CA ASN A 182 -22.69 18.25 11.12
C ASN A 182 -22.97 19.53 11.91
N GLU A 183 -22.23 19.71 13.01
CA GLU A 183 -22.40 20.88 13.86
C GLU A 183 -22.19 22.15 13.04
N THR A 184 -21.07 22.21 12.34
CA THR A 184 -20.71 23.38 11.54
C THR A 184 -21.43 23.48 10.20
N HIS A 185 -21.73 22.35 9.57
CA HIS A 185 -22.39 22.38 8.27
C HIS A 185 -23.91 22.19 8.28
N GLY A 186 -24.45 21.62 9.36
CA GLY A 186 -25.89 21.42 9.44
C GLY A 186 -26.38 20.15 8.78
N LYS A 187 -25.47 19.41 8.15
CA LYS A 187 -25.80 18.16 7.49
C LYS A 187 -24.62 17.18 7.62
N PRO A 188 -24.91 15.87 7.53
CA PRO A 188 -23.83 14.89 7.64
C PRO A 188 -22.87 15.01 6.47
N PRO A 189 -21.59 14.67 6.68
CA PRO A 189 -20.65 14.77 5.55
C PRO A 189 -20.94 13.61 4.60
N THR A 190 -20.56 13.78 3.35
CA THR A 190 -20.73 12.74 2.36
C THR A 190 -19.56 11.78 2.54
N ARG A 191 -19.61 10.65 1.85
CA ARG A 191 -18.54 9.69 1.94
C ARG A 191 -17.25 10.36 1.52
N ARG A 192 -17.32 11.14 0.44
CA ARG A 192 -16.15 11.82 -0.08
C ARG A 192 -15.51 12.70 1.00
N GLU A 193 -16.35 13.45 1.73
CA GLU A 193 -15.90 14.34 2.79
C GLU A 193 -15.32 13.59 3.99
N ILE A 194 -15.86 12.41 4.27
CA ILE A 194 -15.35 11.60 5.37
C ILE A 194 -13.93 11.15 5.05
N ILE A 195 -13.71 10.75 3.81
CA ILE A 195 -12.39 10.32 3.37
C ILE A 195 -11.42 11.51 3.39
N GLU A 196 -11.88 12.66 2.91
CA GLU A 196 -11.04 13.84 2.89
C GLU A 196 -10.66 14.18 4.33
N GLY A 197 -11.59 13.95 5.25
CA GLY A 197 -11.32 14.25 6.64
C GLY A 197 -10.33 13.29 7.29
N TYR A 198 -10.33 12.03 6.86
CA TYR A 198 -9.41 11.07 7.47
C TYR A 198 -8.03 11.10 6.84
N TYR A 199 -7.97 11.19 5.52
CA TYR A 199 -6.70 11.21 4.84
C TYR A 199 -6.20 12.64 4.60
N GLY A 200 -7.08 13.61 4.84
CA GLY A 200 -6.72 14.99 4.66
C GLY A 200 -6.97 15.46 3.24
N GLU A 201 -7.30 14.51 2.38
CA GLU A 201 -7.55 14.79 0.96
C GLU A 201 -8.37 13.63 0.43
N TYR A 202 -9.09 13.84 -0.67
CA TYR A 202 -9.88 12.73 -1.18
C TYR A 202 -8.97 11.74 -1.90
N VAL A 203 -9.23 10.45 -1.67
CA VAL A 203 -8.45 9.39 -2.29
C VAL A 203 -9.43 8.32 -2.72
N ASP A 204 -9.27 7.81 -3.94
CA ASP A 204 -10.16 6.76 -4.44
C ASP A 204 -9.88 5.45 -3.72
N LYS A 205 -10.81 4.51 -3.86
CA LYS A 205 -10.64 3.21 -3.22
C LYS A 205 -9.37 2.57 -3.74
N ALA A 206 -8.75 1.75 -2.89
CA ALA A 206 -7.52 1.06 -3.28
C ALA A 206 -7.83 0.05 -4.37
N ASP A 207 -6.98 0.02 -5.39
CA ASP A 207 -7.14 -0.91 -6.51
C ASP A 207 -6.35 -2.19 -6.28
N MET A 208 -5.38 -2.13 -5.37
CA MET A 208 -4.60 -3.31 -5.03
C MET A 208 -3.85 -3.13 -3.71
N PHE A 209 -3.53 -4.24 -3.08
CA PHE A 209 -2.78 -4.26 -1.84
C PHE A 209 -1.71 -5.34 -2.02
N ILE A 210 -0.45 -4.97 -1.77
CA ILE A 210 0.66 -5.91 -1.90
C ILE A 210 1.28 -6.11 -0.52
N GLY A 211 1.04 -7.27 0.07
CA GLY A 211 1.61 -7.57 1.37
C GLY A 211 2.63 -8.66 1.18
N PHE A 212 2.94 -9.39 2.24
CA PHE A 212 3.90 -10.48 2.16
C PHE A 212 3.69 -11.41 3.34
N GLY A 213 4.13 -12.65 3.20
CA GLY A 213 3.98 -13.61 4.27
C GLY A 213 2.52 -13.98 4.50
N ARG A 214 2.11 -13.95 5.76
CA ARG A 214 0.75 -14.27 6.14
C ARG A 214 -0.26 -13.45 5.36
N PHE A 215 -1.26 -14.12 4.80
CA PHE A 215 -2.30 -13.42 4.03
C PHE A 215 -3.12 -12.57 5.00
N SER A 216 -3.02 -11.26 4.88
CA SER A 216 -3.76 -10.36 5.75
C SER A 216 -3.59 -8.95 5.21
N THR A 217 -4.54 -8.08 5.49
CA THR A 217 -4.49 -6.70 5.03
C THR A 217 -4.74 -5.82 6.25
N PHE A 218 -4.28 -4.59 6.20
CA PHE A 218 -4.43 -3.71 7.34
C PHE A 218 -4.09 -2.27 7.00
N ASP A 219 -4.62 -1.37 7.81
CA ASP A 219 -4.31 0.04 7.74
C ASP A 219 -4.60 0.92 6.51
N PHE A 220 -5.74 0.70 5.86
CA PHE A 220 -6.16 1.61 4.79
C PHE A 220 -7.69 1.71 4.92
N PRO A 221 -8.15 2.21 6.08
CA PRO A 221 -9.58 2.38 6.41
C PRO A 221 -10.35 3.15 5.35
N LEU A 222 -11.57 2.71 5.08
CA LEU A 222 -12.45 3.37 4.13
C LEU A 222 -12.11 3.14 2.67
N LEU A 223 -10.87 2.69 2.40
CA LEU A 223 -10.44 2.51 1.02
C LEU A 223 -10.44 1.08 0.48
N SER A 224 -10.98 0.14 1.24
CA SER A 224 -11.03 -1.23 0.81
C SER A 224 -12.35 -1.54 0.09
N SER A 225 -12.26 -2.38 -0.94
CA SER A 225 -13.42 -2.78 -1.72
C SER A 225 -13.19 -4.21 -2.23
N GLY A 226 -14.25 -4.87 -2.65
CA GLY A 226 -14.10 -6.21 -3.20
C GLY A 226 -13.22 -6.12 -4.43
N LYS A 227 -13.03 -4.91 -4.94
CA LYS A 227 -12.21 -4.67 -6.12
C LYS A 227 -10.75 -4.34 -5.79
N THR A 228 -10.40 -4.37 -4.50
CA THR A 228 -9.02 -4.14 -4.12
C THR A 228 -8.32 -5.50 -4.33
N SER A 229 -7.55 -5.64 -5.40
CA SER A 229 -6.85 -6.90 -5.70
C SER A 229 -5.74 -7.17 -4.67
N LEU A 230 -5.76 -8.34 -4.04
CA LEU A 230 -4.77 -8.69 -3.04
C LEU A 230 -3.66 -9.60 -3.53
N TYR A 231 -2.43 -9.26 -3.13
CA TYR A 231 -1.24 -10.00 -3.47
C TYR A 231 -0.33 -10.16 -2.24
N PHE A 232 0.33 -11.31 -2.14
CA PHE A 232 1.22 -11.58 -1.03
C PHE A 232 2.50 -12.20 -1.54
N THR A 233 3.60 -11.46 -1.42
CA THR A 233 4.90 -11.96 -1.85
C THR A 233 5.42 -12.88 -0.75
N VAL A 234 6.38 -13.73 -1.09
CA VAL A 234 6.94 -14.61 -0.08
C VAL A 234 7.91 -13.84 0.81
N ALA A 235 8.73 -13.00 0.19
CA ALA A 235 9.71 -12.19 0.91
C ALA A 235 9.17 -10.82 1.31
N PRO A 236 9.78 -10.18 2.33
CA PRO A 236 9.37 -8.87 2.84
C PRO A 236 9.31 -7.79 1.75
N SER A 237 8.56 -6.73 2.06
CA SER A 237 8.35 -5.59 1.17
C SER A 237 9.59 -5.15 0.40
N TYR A 238 10.69 -4.96 1.12
CA TYR A 238 11.94 -4.48 0.54
C TYR A 238 12.56 -5.33 -0.58
N TYR A 239 12.15 -6.59 -0.69
CA TYR A 239 12.66 -7.49 -1.72
C TYR A 239 12.00 -7.27 -3.08
N MET A 240 10.87 -6.56 -3.08
CA MET A 240 10.11 -6.31 -4.30
C MET A 240 10.97 -6.03 -5.53
N THR A 241 10.90 -6.94 -6.51
CA THR A 241 11.66 -6.77 -7.75
C THR A 241 10.79 -6.19 -8.84
N GLU A 242 11.45 -5.84 -9.94
CA GLU A 242 10.82 -5.28 -11.12
C GLU A 242 9.83 -6.29 -11.71
N THR A 243 10.32 -7.52 -11.88
CA THR A 243 9.53 -8.60 -12.44
C THR A 243 8.26 -8.88 -11.63
N THR A 244 8.42 -8.97 -10.32
CA THR A 244 7.28 -9.23 -9.44
C THR A 244 6.23 -8.15 -9.57
N LEU A 245 6.64 -6.88 -9.52
CA LEU A 245 5.70 -5.79 -9.63
C LEU A 245 4.92 -5.86 -10.96
N ARG A 246 5.63 -6.09 -12.06
CA ARG A 246 4.98 -6.17 -13.37
C ARG A 246 3.99 -7.32 -13.47
N ARG A 247 4.32 -8.47 -12.87
CA ARG A 247 3.41 -9.60 -12.94
C ARG A 247 2.16 -9.31 -12.11
N ILE A 248 2.34 -8.52 -11.06
CA ILE A 248 1.22 -8.14 -10.21
C ILE A 248 0.35 -7.13 -10.97
N LEU A 249 0.99 -6.11 -11.54
CA LEU A 249 0.27 -5.11 -12.30
C LEU A 249 -0.50 -5.77 -13.46
N TYR A 250 0.16 -6.67 -14.17
CA TYR A 250 -0.48 -7.35 -15.28
C TYR A 250 -1.70 -8.15 -14.84
N ASP A 251 -1.56 -8.87 -13.74
CA ASP A 251 -2.69 -9.66 -13.23
C ASP A 251 -3.88 -8.77 -12.93
N HIS A 252 -3.63 -7.67 -12.20
CA HIS A 252 -4.70 -6.74 -11.84
C HIS A 252 -5.38 -6.09 -13.04
N ILE A 253 -4.58 -5.58 -13.95
CA ILE A 253 -5.10 -4.87 -15.12
C ILE A 253 -5.82 -5.74 -16.14
N TYR A 254 -5.23 -6.88 -16.46
CA TYR A 254 -5.79 -7.75 -17.49
C TYR A 254 -6.49 -9.02 -17.07
N LEU A 255 -6.12 -9.58 -15.92
CA LEU A 255 -6.71 -10.85 -15.51
C LEU A 255 -7.81 -10.82 -14.46
N ARG A 256 -7.68 -9.99 -13.43
CA ARG A 256 -8.70 -9.94 -12.38
C ARG A 256 -10.10 -9.67 -12.93
N HIS A 257 -10.19 -8.78 -13.91
CA HIS A 257 -11.49 -8.48 -14.52
C HIS A 257 -11.40 -8.67 -16.02
N PHE A 258 -11.49 -9.93 -16.39
CA PHE A 258 -11.40 -10.40 -17.75
C PHE A 258 -12.61 -10.00 -18.58
N ARG A 259 -12.34 -9.53 -19.79
CA ARG A 259 -13.40 -9.11 -20.70
C ARG A 259 -13.03 -9.44 -22.14
N PRO A 260 -14.01 -9.90 -22.94
CA PRO A 260 -15.39 -10.10 -22.51
C PRO A 260 -15.55 -11.46 -21.83
N LYS A 261 -16.63 -11.62 -21.09
CA LYS A 261 -16.91 -12.87 -20.40
C LYS A 261 -17.67 -13.75 -21.37
N PRO A 262 -17.63 -15.08 -21.18
CA PRO A 262 -18.36 -15.97 -22.09
C PRO A 262 -19.78 -16.23 -21.62
N ASP A 263 -20.61 -16.73 -22.53
CA ASP A 263 -21.98 -17.06 -22.17
C ASP A 263 -21.91 -18.51 -21.72
N TYR A 264 -21.76 -18.70 -20.42
CA TYR A 264 -21.64 -20.03 -19.83
C TYR A 264 -22.76 -21.00 -20.21
N SER A 265 -23.97 -20.47 -20.40
CA SER A 265 -25.09 -21.32 -20.76
C SER A 265 -24.90 -21.80 -22.19
N ALA A 266 -23.84 -21.31 -22.84
CA ALA A 266 -23.54 -21.67 -24.23
C ALA A 266 -22.25 -22.46 -24.38
N MET A 267 -21.73 -23.01 -23.29
CA MET A 267 -20.49 -23.77 -23.36
C MET A 267 -20.74 -25.26 -23.60
N SER A 268 -19.84 -25.88 -24.35
CA SER A 268 -19.94 -27.30 -24.67
C SER A 268 -19.97 -28.14 -23.41
N ALA A 269 -20.38 -29.40 -23.56
CA ALA A 269 -20.43 -30.32 -22.44
C ALA A 269 -19.02 -30.59 -21.92
N ASP A 270 -18.05 -30.57 -22.84
CA ASP A 270 -16.66 -30.83 -22.45
C ASP A 270 -16.06 -29.67 -21.67
N GLN A 271 -16.30 -28.45 -22.13
CA GLN A 271 -15.78 -27.27 -21.45
C GLN A 271 -16.26 -27.24 -20.01
N LEU A 272 -17.56 -27.33 -19.82
CA LEU A 272 -18.14 -27.30 -18.49
C LEU A 272 -17.66 -28.50 -17.68
N ASN A 273 -17.17 -29.52 -18.38
CA ASN A 273 -16.69 -30.72 -17.73
C ASN A 273 -15.24 -30.57 -17.29
N VAL A 274 -14.45 -29.88 -18.11
CA VAL A 274 -13.04 -29.62 -17.81
C VAL A 274 -13.01 -28.65 -16.63
N LEU A 275 -13.96 -27.72 -16.62
CA LEU A 275 -14.07 -26.73 -15.56
C LEU A 275 -14.43 -27.42 -14.26
N ARG A 276 -15.44 -28.30 -14.32
CA ARG A 276 -15.87 -29.03 -13.14
C ARG A 276 -14.68 -29.77 -12.56
N ASN A 277 -13.82 -30.26 -13.44
CA ASN A 277 -12.64 -31.00 -12.98
C ASN A 277 -11.59 -30.09 -12.41
N ARG A 278 -11.56 -28.83 -12.84
CA ARG A 278 -10.58 -27.89 -12.32
C ARG A 278 -10.90 -27.63 -10.85
N TYR A 279 -12.19 -27.69 -10.51
CA TYR A 279 -12.63 -27.46 -9.14
C TYR A 279 -12.58 -28.70 -8.26
N ARG A 280 -12.85 -29.87 -8.85
CA ARG A 280 -12.83 -31.11 -8.11
C ARG A 280 -11.46 -31.77 -8.14
N ALA A 281 -10.58 -31.29 -9.02
CA ALA A 281 -9.23 -31.81 -9.16
C ALA A 281 -8.63 -32.03 -7.79
N GLN A 282 -8.30 -30.92 -7.13
CA GLN A 282 -7.75 -30.91 -5.79
C GLN A 282 -8.86 -30.31 -4.93
N PRO A 283 -9.85 -31.14 -4.54
CA PRO A 283 -11.01 -30.76 -3.73
C PRO A 283 -10.76 -29.98 -2.43
N ASP A 284 -9.57 -30.15 -1.83
CA ASP A 284 -9.27 -29.46 -0.59
C ASP A 284 -8.25 -28.34 -0.76
N ARG A 285 -7.97 -27.95 -2.00
CA ARG A 285 -6.99 -26.90 -2.27
C ARG A 285 -7.41 -25.54 -1.72
N VAL A 286 -6.50 -24.92 -0.97
CA VAL A 286 -6.76 -23.62 -0.36
C VAL A 286 -5.47 -22.81 -0.17
N PHE A 287 -5.49 -21.57 -0.64
CA PHE A 287 -4.36 -20.67 -0.51
C PHE A 287 -4.51 -19.90 0.81
N GLY A 288 -3.41 -19.82 1.56
CA GLY A 288 -3.45 -19.13 2.84
C GLY A 288 -3.08 -20.04 4.01
N VAL A 289 -3.09 -21.36 3.80
CA VAL A 289 -2.69 -22.27 4.86
C VAL A 289 -1.18 -22.38 4.66
N GLY A 290 -0.43 -22.36 5.75
CA GLY A 290 1.01 -22.42 5.61
C GLY A 290 1.75 -23.38 6.52
N CYS A 291 3.05 -23.17 6.62
CA CYS A 291 3.92 -23.97 7.44
C CYS A 291 4.90 -23.00 8.10
N VAL A 292 5.43 -23.38 9.24
CA VAL A 292 6.35 -22.51 9.96
C VAL A 292 7.79 -23.06 9.94
N HIS A 293 8.73 -22.17 9.67
CA HIS A 293 10.16 -22.52 9.64
C HIS A 293 10.87 -21.43 10.42
N ASP A 294 11.55 -21.81 11.49
CA ASP A 294 12.28 -20.83 12.31
C ASP A 294 11.38 -19.71 12.82
N GLY A 295 10.16 -20.05 13.19
CA GLY A 295 9.25 -19.03 13.70
C GLY A 295 8.63 -18.18 12.60
N ILE A 296 9.01 -18.43 11.35
CA ILE A 296 8.47 -17.67 10.24
C ILE A 296 7.48 -18.51 9.44
N TRP A 297 6.30 -17.94 9.22
CA TRP A 297 5.23 -18.60 8.47
C TRP A 297 5.45 -18.42 6.96
N PHE A 298 5.25 -19.50 6.21
CA PHE A 298 5.36 -19.47 4.76
C PHE A 298 4.11 -20.14 4.18
N ALA A 299 3.52 -19.54 3.16
CA ALA A 299 2.33 -20.11 2.52
C ALA A 299 2.72 -21.35 1.74
N GLU A 300 1.88 -22.39 1.79
CA GLU A 300 2.13 -23.63 1.06
C GLU A 300 1.47 -23.58 -0.31
N GLY A 301 1.67 -24.65 -1.08
CA GLY A 301 1.06 -24.77 -2.38
C GLY A 301 1.53 -23.73 -3.38
#